data_1QJF
#
_entry.id   1QJF
#
_cell.length_a   46.777
_cell.length_b   71.186
_cell.length_c   101.251
_cell.angle_alpha   90.00
_cell.angle_beta   90.00
_cell.angle_gamma   90.00
#
_symmetry.space_group_name_H-M   'P 21 21 21'
#
loop_
_entity.id
_entity.type
_entity.pdbx_description
1 polymer 'ISOPENICILLIN N SYNTHASE'
2 non-polymer 'SULFATE ION'
3 non-polymer 1-[(1S)-CARBOXY-2-(METHYLSULFINYL)ETHYL]-(3R)-[(5S)-5-AMINO-5-CARBOXYPENTANAMIDO]-(4R)-SULFANYLAZETIDIN-2-ONE
4 non-polymer 'FE (II) ION'
5 water water
#
_entity_poly.entity_id   1
_entity_poly.type   'polypeptide(L)'
_entity_poly.pdbx_seq_one_letter_code
;MGSVSKANVPKIDVSPLFGDDQAAKMRVAQQIDAASRDTGFFYAVNHGINVQRLSQKTKEFHMSITPEEKWDLAIRAYNK
EHQDQVRAGYYLSIPGKKAVESFCYLNPNFTPDHPRIQAKTPTHEVNVWPDETKHPGFQDFAEQYYWDVFGLSSALLKGY
ALALGKEENFFARHFKPDDTLASVVLIRYPYLDPYPEAAIKTAADGTKLSFEWHEDVSLITVLYQSNVQNLQVETAAGYQ
DIEADDTGYLINCGSYMAHLTNNYYKAPIHRVKWVNAERQSLPFFVNLGYDSVIDPFDPREPNGKSDREPLSYGDYLQNG
LVSLINKNGQT
;
_entity_poly.pdbx_strand_id   A
#
loop_
_chem_comp.id
_chem_comp.type
_chem_comp.name
_chem_comp.formula
ACS non-polymer 1-[(1S)-CARBOXY-2-(METHYLSULFINYL)ETHYL]-(3R)-[(5S)-5-AMINO-5-CARBOXYPENTANAMIDO]-(4R)-SULFANYLAZETIDIN-2-ONE 'C13 H21 N3 O7 S2'
FE2 non-polymer 'FE (II) ION' 'Fe 2'
SO4 non-polymer 'SULFATE ION' 'O4 S -2'
#
# COMPACT_ATOMS: atom_id res chain seq x y z
N VAL A 4 -19.51 -9.30 -15.17
CA VAL A 4 -18.58 -8.17 -15.01
C VAL A 4 -17.35 -8.39 -15.88
N SER A 5 -16.86 -7.51 -16.63
CA SER A 5 -15.70 -7.68 -17.49
C SER A 5 -14.40 -7.60 -16.66
N LYS A 6 -13.39 -8.28 -17.21
CA LYS A 6 -12.08 -8.33 -16.57
C LYS A 6 -11.29 -7.10 -16.97
N ALA A 7 -10.66 -6.55 -15.96
CA ALA A 7 -9.82 -5.38 -16.18
C ALA A 7 -8.53 -5.74 -16.88
N ASN A 8 -8.04 -4.87 -17.75
CA ASN A 8 -6.70 -4.94 -18.30
C ASN A 8 -5.64 -4.62 -17.28
N VAL A 9 -5.00 -5.75 -16.89
CA VAL A 9 -3.89 -5.60 -15.95
C VAL A 9 -2.72 -6.38 -16.48
N PRO A 10 -1.90 -5.67 -17.20
CA PRO A 10 -0.76 -6.40 -17.76
C PRO A 10 0.33 -6.84 -16.78
N LYS A 11 1.04 -7.81 -17.19
CA LYS A 11 2.15 -8.33 -16.41
C LYS A 11 3.40 -7.70 -17.04
N ILE A 12 4.18 -6.99 -16.30
CA ILE A 12 5.38 -6.29 -16.75
C ILE A 12 6.57 -6.90 -16.01
N ASP A 13 7.53 -7.40 -16.76
CA ASP A 13 8.82 -7.83 -16.23
C ASP A 13 9.65 -6.62 -15.86
N VAL A 14 9.75 -6.41 -14.54
CA VAL A 14 10.42 -5.23 -14.03
C VAL A 14 11.88 -5.47 -13.75
N SER A 15 12.43 -6.68 -14.06
CA SER A 15 13.82 -6.91 -13.71
C SER A 15 14.85 -5.96 -14.33
N PRO A 16 14.61 -5.41 -15.54
CA PRO A 16 15.62 -4.45 -15.98
C PRO A 16 15.80 -3.22 -15.09
N LEU A 17 14.87 -2.87 -14.27
CA LEU A 17 14.93 -1.70 -13.43
C LEU A 17 15.90 -1.92 -12.31
N PHE A 18 16.40 -3.12 -12.15
CA PHE A 18 17.42 -3.33 -11.13
C PHE A 18 18.82 -3.21 -11.68
N GLY A 19 18.94 -3.06 -13.00
CA GLY A 19 20.21 -3.14 -13.67
C GLY A 19 20.60 -1.86 -14.42
N ASP A 20 21.50 -2.01 -15.32
CA ASP A 20 22.17 -0.88 -15.94
C ASP A 20 21.96 -0.86 -17.45
N ASP A 21 21.01 -1.53 -17.93
CA ASP A 21 20.63 -1.46 -19.34
C ASP A 21 19.61 -0.38 -19.61
N GLN A 22 20.14 0.86 -20.04
CA GLN A 22 19.19 1.94 -20.03
C GLN A 22 18.09 1.84 -21.07
N ALA A 23 18.38 1.30 -22.21
CA ALA A 23 17.41 1.08 -23.24
C ALA A 23 16.35 0.10 -22.75
N ALA A 24 16.80 -0.96 -22.08
CA ALA A 24 15.81 -1.94 -21.56
C ALA A 24 14.90 -1.29 -20.55
N LYS A 25 15.49 -0.46 -19.76
CA LYS A 25 14.70 0.27 -18.76
C LYS A 25 13.66 1.18 -19.43
N MET A 26 13.99 1.84 -20.52
CA MET A 26 12.97 2.66 -21.17
C MET A 26 11.87 1.79 -21.71
N ARG A 27 12.16 0.60 -22.15
CA ARG A 27 11.06 -0.24 -22.64
C ARG A 27 10.17 -0.67 -21.49
N VAL A 28 10.69 -0.87 -20.34
CA VAL A 28 9.83 -1.10 -19.16
C VAL A 28 9.01 0.10 -18.83
N ALA A 29 9.64 1.28 -18.83
CA ALA A 29 8.96 2.51 -18.53
C ALA A 29 7.76 2.74 -19.46
N GLN A 30 7.90 2.40 -20.79
CA GLN A 30 6.77 2.56 -21.70
C GLN A 30 5.64 1.66 -21.20
N GLN A 31 5.94 0.45 -20.80
CA GLN A 31 4.83 -0.42 -20.34
C GLN A 31 4.15 0.16 -19.11
N ILE A 32 4.91 0.76 -18.23
CA ILE A 32 4.34 1.36 -17.05
C ILE A 32 3.46 2.55 -17.44
N ASP A 33 3.95 3.38 -18.38
CA ASP A 33 3.21 4.54 -18.88
C ASP A 33 1.87 4.06 -19.41
N ALA A 34 1.90 3.00 -20.26
CA ALA A 34 0.70 2.50 -20.88
C ALA A 34 -0.32 2.02 -19.85
N ALA A 35 0.19 1.28 -18.85
CA ALA A 35 -0.76 0.75 -17.85
C ALA A 35 -1.32 1.88 -17.01
N SER A 36 -0.45 2.89 -16.71
CA SER A 36 -0.88 3.99 -15.84
C SER A 36 -1.92 4.82 -16.52
N ARG A 37 -1.89 4.90 -17.87
CA ARG A 37 -2.87 5.66 -18.62
C ARG A 37 -4.11 4.87 -19.00
N ASP A 38 -4.02 3.56 -18.80
CA ASP A 38 -5.21 2.73 -19.08
C ASP A 38 -5.96 2.54 -17.77
N THR A 39 -5.97 1.30 -17.16
CA THR A 39 -6.76 1.07 -15.96
C THR A 39 -6.05 1.57 -14.71
N GLY A 40 -4.74 1.78 -14.84
CA GLY A 40 -4.02 2.22 -13.67
C GLY A 40 -3.45 1.07 -12.88
N PHE A 41 -3.59 -0.19 -13.23
CA PHE A 41 -2.97 -1.32 -12.55
C PHE A 41 -2.07 -2.12 -13.50
N PHE A 42 -1.04 -2.69 -12.90
CA PHE A 42 -0.27 -3.73 -13.58
C PHE A 42 0.32 -4.67 -12.57
N TYR A 43 0.68 -5.85 -12.96
CA TYR A 43 1.41 -6.78 -12.12
C TYR A 43 2.90 -6.65 -12.43
N ALA A 44 3.69 -6.41 -11.41
CA ALA A 44 5.14 -6.50 -11.48
C ALA A 44 5.53 -7.97 -11.35
N VAL A 45 6.19 -8.53 -12.36
CA VAL A 45 6.69 -9.84 -12.31
C VAL A 45 8.23 -9.81 -12.43
N ASN A 46 8.86 -10.92 -12.11
CA ASN A 46 10.29 -11.03 -12.01
C ASN A 46 10.84 -9.93 -11.07
N HIS A 47 10.17 -9.79 -9.94
CA HIS A 47 10.52 -8.77 -8.95
C HIS A 47 11.53 -9.17 -7.91
N GLY A 48 11.88 -10.50 -7.83
CA GLY A 48 12.91 -10.96 -6.95
C GLY A 48 12.59 -11.25 -5.54
N ILE A 49 11.48 -11.06 -5.05
CA ILE A 49 10.99 -11.24 -3.70
C ILE A 49 10.28 -12.57 -3.53
N ASN A 50 10.61 -13.20 -2.41
CA ASN A 50 10.04 -14.53 -2.09
C ASN A 50 8.67 -14.36 -1.45
N VAL A 51 7.65 -14.31 -2.25
CA VAL A 51 6.30 -14.04 -1.75
C VAL A 51 5.70 -15.27 -1.09
N GLN A 52 6.09 -16.45 -1.41
CA GLN A 52 5.51 -17.61 -0.78
C GLN A 52 5.96 -17.56 0.67
N ARG A 53 7.25 -17.25 0.90
CA ARG A 53 7.73 -17.22 2.32
C ARG A 53 7.07 -16.10 3.06
N LEU A 54 6.85 -14.91 2.48
CA LEU A 54 6.09 -13.81 3.07
C LEU A 54 4.71 -14.29 3.53
N SER A 55 4.03 -15.01 2.61
CA SER A 55 2.65 -15.45 2.96
C SER A 55 2.75 -16.46 4.04
N GLN A 56 3.72 -17.36 4.10
CA GLN A 56 3.81 -18.36 5.18
C GLN A 56 4.15 -17.74 6.50
N LYS A 57 5.08 -16.83 6.58
CA LYS A 57 5.42 -16.20 7.84
C LYS A 57 4.25 -15.35 8.32
N THR A 58 3.56 -14.70 7.46
CA THR A 58 2.36 -13.89 7.80
C THR A 58 1.23 -14.78 8.33
N LYS A 59 0.99 -15.91 7.70
CA LYS A 59 -0.03 -16.86 8.16
C LYS A 59 0.27 -17.33 9.56
N GLU A 60 1.59 -17.69 9.77
CA GLU A 60 1.96 -18.14 11.09
C GLU A 60 1.68 -17.12 12.16
N PHE A 61 1.96 -15.86 11.91
CA PHE A 61 1.65 -14.80 12.83
C PHE A 61 0.16 -14.64 13.00
N HIS A 62 -0.59 -14.45 11.98
CA HIS A 62 -2.04 -14.22 12.18
C HIS A 62 -2.76 -15.36 12.91
N MET A 63 -2.30 -16.60 12.69
CA MET A 63 -3.06 -17.69 13.23
C MET A 63 -2.65 -18.02 14.64
N SER A 64 -1.58 -17.48 15.08
CA SER A 64 -1.10 -17.75 16.43
C SER A 64 -1.25 -16.57 17.35
N ILE A 65 -1.33 -15.39 16.93
CA ILE A 65 -1.55 -14.31 17.93
C ILE A 65 -2.89 -14.48 18.64
N THR A 66 -2.87 -14.18 19.89
CA THR A 66 -4.01 -14.33 20.83
C THR A 66 -4.69 -13.03 21.15
N PRO A 67 -5.91 -13.13 21.64
CA PRO A 67 -6.63 -11.92 22.05
C PRO A 67 -5.89 -11.02 23.03
N GLU A 68 -5.19 -11.63 24.00
CA GLU A 68 -4.45 -10.82 24.93
C GLU A 68 -3.40 -9.95 24.28
N GLU A 69 -2.65 -10.58 23.27
CA GLU A 69 -1.57 -9.93 22.54
C GLU A 69 -2.13 -8.81 21.68
N LYS A 70 -3.28 -9.02 21.11
CA LYS A 70 -3.91 -7.99 20.25
C LYS A 70 -4.20 -6.71 21.02
N TRP A 71 -4.83 -6.87 22.28
CA TRP A 71 -4.97 -5.68 23.08
C TRP A 71 -3.64 -5.01 23.42
N ASP A 72 -2.62 -5.85 23.71
CA ASP A 72 -1.34 -5.32 24.17
C ASP A 72 -0.63 -4.56 23.04
N LEU A 73 -0.99 -4.95 21.79
CA LEU A 73 -0.42 -4.22 20.63
C LEU A 73 -1.30 -3.21 19.94
N ALA A 74 -2.50 -3.03 20.44
CA ALA A 74 -3.54 -2.33 19.78
C ALA A 74 -3.29 -0.86 19.56
N ILE A 75 -3.68 -0.37 18.37
CA ILE A 75 -3.66 1.10 18.14
C ILE A 75 -4.69 1.80 19.05
N ARG A 76 -4.53 3.09 19.19
CA ARG A 76 -5.35 3.98 19.99
C ARG A 76 -6.83 3.84 19.72
N ALA A 77 -7.21 3.54 18.53
CA ALA A 77 -8.61 3.39 18.15
C ALA A 77 -9.29 2.25 18.93
N TYR A 78 -8.55 1.30 19.34
CA TYR A 78 -9.00 0.12 20.07
C TYR A 78 -8.58 0.16 21.51
N ASN A 79 -7.60 0.86 21.91
CA ASN A 79 -7.04 0.83 23.26
C ASN A 79 -6.58 2.24 23.64
N LYS A 80 -7.42 2.91 24.45
CA LYS A 80 -7.12 4.27 24.85
C LYS A 80 -5.82 4.46 25.60
N GLU A 81 -5.18 3.36 26.13
CA GLU A 81 -3.92 3.49 26.83
C GLU A 81 -2.79 3.80 25.87
N HIS A 82 -2.98 3.55 24.57
CA HIS A 82 -1.90 3.62 23.62
C HIS A 82 -1.93 4.84 22.73
N GLN A 83 -1.87 6.07 23.39
CA GLN A 83 -2.13 7.30 22.69
C GLN A 83 -1.14 7.57 21.61
N ASP A 84 0.00 7.02 21.70
CA ASP A 84 1.06 7.26 20.67
C ASP A 84 0.88 6.38 19.46
N GLN A 85 0.08 5.36 19.50
CA GLN A 85 -0.09 4.46 18.36
C GLN A 85 -1.29 4.84 17.52
N VAL A 86 -1.09 5.72 16.54
CA VAL A 86 -2.14 6.06 15.60
C VAL A 86 -2.07 5.14 14.37
N ARG A 87 -0.89 4.89 13.90
CA ARG A 87 -0.63 4.11 12.71
C ARG A 87 -0.15 2.71 13.00
N ALA A 88 0.82 2.53 13.81
CA ALA A 88 1.47 1.23 14.03
C ALA A 88 0.92 0.43 15.19
N GLY A 89 0.66 -0.86 14.86
CA GLY A 89 0.14 -1.87 15.81
C GLY A 89 -0.97 -2.69 15.25
N TYR A 90 -1.73 -3.26 16.18
CA TYR A 90 -2.82 -4.17 15.86
C TYR A 90 -4.14 -3.40 15.74
N TYR A 91 -4.87 -3.78 14.66
CA TYR A 91 -6.18 -3.27 14.29
C TYR A 91 -7.17 -4.45 14.48
N LEU A 92 -7.95 -4.49 15.51
CA LEU A 92 -8.74 -5.66 15.89
C LEU A 92 -9.99 -5.83 15.09
N SER A 93 -10.41 -7.13 14.93
CA SER A 93 -11.74 -7.46 14.43
C SER A 93 -12.74 -7.27 15.53
N ILE A 94 -13.96 -7.26 15.11
CA ILE A 94 -15.11 -7.22 16.10
C ILE A 94 -16.06 -8.33 15.73
N PRO A 95 -15.92 -9.51 16.34
CA PRO A 95 -16.76 -10.65 15.92
C PRO A 95 -18.23 -10.20 15.94
N GLY A 96 -18.86 -10.58 14.85
CA GLY A 96 -20.23 -10.17 14.70
C GLY A 96 -20.47 -8.88 14.01
N LYS A 97 -19.42 -8.08 13.83
CA LYS A 97 -19.55 -6.77 13.21
C LYS A 97 -18.52 -6.32 12.15
N LYS A 98 -17.26 -6.68 12.42
CA LYS A 98 -16.12 -6.33 11.59
C LYS A 98 -15.22 -7.54 11.42
N ALA A 99 -15.02 -8.01 10.19
CA ALA A 99 -14.33 -9.26 10.03
C ALA A 99 -12.81 -9.10 9.95
N VAL A 100 -12.38 -8.06 9.22
CA VAL A 100 -10.97 -7.82 8.95
C VAL A 100 -10.18 -7.43 10.20
N GLU A 101 -8.94 -7.85 10.25
CA GLU A 101 -8.02 -7.44 11.29
C GLU A 101 -6.62 -7.31 10.64
N SER A 102 -5.74 -6.54 11.27
CA SER A 102 -4.47 -6.35 10.56
C SER A 102 -3.43 -5.87 11.54
N PHE A 103 -2.16 -5.87 11.10
CA PHE A 103 -1.00 -5.36 11.84
C PHE A 103 -0.18 -4.41 10.98
N CYS A 104 0.05 -3.25 11.41
CA CYS A 104 0.79 -2.26 10.62
C CYS A 104 2.10 -1.90 11.27
N TYR A 105 3.15 -1.76 10.45
CA TYR A 105 4.43 -1.31 10.95
C TYR A 105 5.05 -0.35 9.93
N LEU A 106 5.88 0.50 10.46
CA LEU A 106 6.59 1.54 9.75
C LEU A 106 8.05 1.26 9.61
N ASN A 107 8.73 2.30 9.10
CA ASN A 107 10.17 2.25 8.95
C ASN A 107 10.89 1.73 10.20
N PRO A 108 11.61 0.64 10.12
CA PRO A 108 12.38 0.14 11.29
C PRO A 108 13.37 1.13 11.81
N ASN A 109 13.77 2.14 11.01
CA ASN A 109 14.73 3.12 11.48
C ASN A 109 14.08 4.18 12.38
N PHE A 110 12.77 4.18 12.52
CA PHE A 110 12.12 5.07 13.47
C PHE A 110 12.23 4.46 14.86
N THR A 111 13.34 4.67 15.46
CA THR A 111 13.74 4.28 16.77
C THR A 111 13.58 5.42 17.78
N PRO A 112 13.62 5.15 19.06
CA PRO A 112 13.44 6.23 20.01
C PRO A 112 14.42 7.40 19.87
N ASP A 113 15.61 7.20 19.39
CA ASP A 113 16.62 8.28 19.20
C ASP A 113 16.45 8.95 17.86
N HIS A 114 15.53 8.52 16.96
CA HIS A 114 15.44 9.18 15.66
C HIS A 114 14.95 10.58 15.81
N PRO A 115 15.52 11.54 15.02
CA PRO A 115 15.17 12.92 15.32
C PRO A 115 13.68 13.29 15.16
N ARG A 116 12.95 12.78 14.28
CA ARG A 116 11.51 12.85 14.10
C ARG A 116 10.70 12.20 15.24
N ILE A 117 11.21 11.15 15.83
CA ILE A 117 10.53 10.59 17.00
C ILE A 117 10.78 11.49 18.19
N GLN A 118 12.02 11.94 18.32
CA GLN A 118 12.27 12.91 19.39
C GLN A 118 11.39 14.15 19.29
N ALA A 119 11.15 14.65 18.11
CA ALA A 119 10.37 15.87 17.91
C ALA A 119 8.87 15.61 17.97
N LYS A 120 8.53 14.30 18.10
CA LYS A 120 7.17 13.83 18.10
C LYS A 120 6.40 14.34 16.86
N THR A 121 7.09 14.28 15.67
CA THR A 121 6.47 14.72 14.45
C THR A 121 5.31 13.85 14.02
N PRO A 122 4.17 14.39 13.67
CA PRO A 122 3.05 13.51 13.20
C PRO A 122 3.43 12.49 12.14
N THR A 123 2.81 11.32 12.21
CA THR A 123 2.90 10.19 11.27
C THR A 123 4.17 9.37 11.52
N HIS A 124 5.08 9.87 12.46
CA HIS A 124 6.22 9.02 12.80
C HIS A 124 5.99 8.29 14.10
N GLU A 125 6.23 6.99 14.17
CA GLU A 125 6.04 6.22 15.41
C GLU A 125 7.09 5.11 15.51
N VAL A 126 7.38 4.69 16.71
CA VAL A 126 8.23 3.53 16.92
C VAL A 126 7.34 2.29 16.81
N ASN A 127 7.71 1.34 15.98
CA ASN A 127 6.95 0.12 15.86
C ASN A 127 6.83 -0.64 17.17
N VAL A 128 5.65 -1.36 17.30
CA VAL A 128 5.41 -2.26 18.41
C VAL A 128 5.43 -3.67 17.85
N TRP A 129 5.95 -4.61 18.63
CA TRP A 129 6.13 -6.00 18.23
C TRP A 129 5.67 -6.96 19.32
N PRO A 130 5.18 -8.15 18.91
CA PRO A 130 4.80 -9.14 19.92
C PRO A 130 6.07 -9.64 20.56
N ASP A 131 5.80 -10.40 21.61
CA ASP A 131 6.88 -11.10 22.27
C ASP A 131 7.63 -12.07 21.40
N GLU A 132 8.98 -11.97 21.41
CA GLU A 132 9.77 -12.83 20.58
C GLU A 132 9.60 -14.32 20.86
N THR A 133 9.48 -14.62 22.17
CA THR A 133 9.36 -16.05 22.42
C THR A 133 8.03 -16.59 21.93
N LYS A 134 6.98 -15.74 21.85
CA LYS A 134 5.71 -16.28 21.36
C LYS A 134 5.64 -16.30 19.84
N HIS A 135 6.49 -15.41 19.21
CA HIS A 135 6.54 -15.29 17.75
C HIS A 135 7.98 -15.28 17.26
N PRO A 136 8.70 -16.41 17.49
CA PRO A 136 10.13 -16.37 17.18
C PRO A 136 10.42 -16.04 15.72
N GLY A 137 11.27 -15.18 15.46
CA GLY A 137 11.65 -14.86 14.10
C GLY A 137 10.84 -13.81 13.40
N PHE A 138 9.66 -13.49 13.96
CA PHE A 138 8.70 -12.65 13.25
C PHE A 138 9.19 -11.21 13.10
N GLN A 139 9.60 -10.54 14.12
CA GLN A 139 10.10 -9.17 13.97
C GLN A 139 11.24 -9.11 12.94
N ASP A 140 12.18 -10.03 13.03
CA ASP A 140 13.29 -9.97 12.14
C ASP A 140 12.87 -10.18 10.70
N PHE A 141 11.99 -11.20 10.52
CA PHE A 141 11.44 -11.45 9.21
C PHE A 141 10.77 -10.16 8.71
N ALA A 142 9.91 -9.53 9.49
CA ALA A 142 9.10 -8.42 9.02
C ALA A 142 9.94 -7.20 8.68
N GLU A 143 10.95 -7.03 9.49
CA GLU A 143 11.88 -5.90 9.23
C GLU A 143 12.64 -6.13 7.91
N GLN A 144 13.09 -7.39 7.68
CA GLN A 144 13.79 -7.68 6.42
C GLN A 144 12.81 -7.53 5.27
N TYR A 145 11.55 -7.89 5.43
CA TYR A 145 10.58 -7.77 4.34
C TYR A 145 10.45 -6.31 3.99
N TYR A 146 10.46 -5.46 5.04
CA TYR A 146 10.33 -4.02 4.76
C TYR A 146 11.43 -3.59 3.76
N TRP A 147 12.65 -4.03 4.01
CA TRP A 147 13.77 -3.57 3.16
C TRP A 147 13.71 -4.26 1.77
N ASP A 148 13.19 -5.48 1.71
CA ASP A 148 13.08 -6.15 0.40
C ASP A 148 12.07 -5.44 -0.45
N VAL A 149 10.93 -5.08 0.09
CA VAL A 149 9.88 -4.37 -0.70
C VAL A 149 10.29 -2.90 -0.87
N PHE A 150 11.01 -2.32 0.00
CA PHE A 150 11.60 -1.03 -0.27
C PHE A 150 12.47 -1.11 -1.50
N GLY A 151 13.36 -2.08 -1.62
CA GLY A 151 14.18 -2.21 -2.84
C GLY A 151 13.38 -2.39 -4.08
N LEU A 152 12.37 -3.20 -4.07
CA LEU A 152 11.50 -3.34 -5.27
C LEU A 152 10.88 -1.99 -5.56
N SER A 153 10.38 -1.27 -4.54
CA SER A 153 9.68 -0.01 -4.75
C SER A 153 10.61 1.07 -5.35
N SER A 154 11.81 1.09 -4.92
CA SER A 154 12.84 2.00 -5.47
C SER A 154 13.02 1.68 -6.95
N ALA A 155 13.10 0.41 -7.30
CA ALA A 155 13.21 0.09 -8.78
C ALA A 155 12.03 0.56 -9.54
N LEU A 156 10.78 0.26 -9.02
CA LEU A 156 9.55 0.72 -9.68
C LEU A 156 9.51 2.24 -9.85
N LEU A 157 9.97 2.99 -8.81
CA LEU A 157 10.01 4.45 -8.91
C LEU A 157 10.99 4.90 -10.00
N LYS A 158 11.99 4.24 -10.25
CA LYS A 158 12.88 4.57 -11.39
C LYS A 158 12.09 4.44 -12.69
N GLY A 159 11.30 3.37 -12.83
CA GLY A 159 10.46 3.17 -14.01
C GLY A 159 9.42 4.26 -14.21
N TYR A 160 8.72 4.64 -13.11
CA TYR A 160 7.76 5.72 -13.21
C TYR A 160 8.39 7.06 -13.59
N ALA A 161 9.59 7.29 -12.99
CA ALA A 161 10.30 8.53 -13.34
C ALA A 161 10.62 8.52 -14.86
N LEU A 162 11.18 7.52 -15.40
CA LEU A 162 11.48 7.40 -16.85
C LEU A 162 10.23 7.54 -17.65
N ALA A 163 9.16 6.90 -17.25
CA ALA A 163 7.87 6.95 -17.97
C ALA A 163 7.36 8.36 -18.11
N LEU A 164 7.62 9.18 -17.12
CA LEU A 164 7.17 10.59 -17.09
C LEU A 164 8.14 11.57 -17.78
N GLY A 165 9.21 11.09 -18.37
CA GLY A 165 10.17 11.92 -19.12
C GLY A 165 11.19 12.52 -18.20
N LYS A 166 11.32 11.97 -16.98
CA LYS A 166 12.27 12.51 -16.01
C LYS A 166 13.52 11.65 -15.87
N GLU A 167 14.54 12.02 -15.17
CA GLU A 167 15.73 11.21 -14.83
C GLU A 167 15.34 10.13 -13.84
N GLU A 168 15.99 9.03 -13.83
CA GLU A 168 15.41 7.91 -13.05
C GLU A 168 15.39 8.13 -11.53
N ASN A 169 16.18 9.06 -10.99
CA ASN A 169 16.05 9.26 -9.52
C ASN A 169 15.06 10.32 -9.12
N PHE A 170 14.21 10.78 -10.05
CA PHE A 170 13.26 11.85 -9.78
C PHE A 170 12.37 11.64 -8.55
N PHE A 171 11.87 10.45 -8.37
CA PHE A 171 11.11 10.11 -7.17
C PHE A 171 12.01 9.46 -6.10
N ALA A 172 12.82 8.53 -6.52
CA ALA A 172 13.66 7.72 -5.62
C ALA A 172 14.54 8.58 -4.77
N ARG A 173 14.94 9.74 -5.19
CA ARG A 173 15.79 10.56 -4.32
C ARG A 173 15.06 11.09 -3.10
N HIS A 174 13.79 11.06 -3.06
CA HIS A 174 12.95 11.39 -1.94
C HIS A 174 12.50 10.16 -1.13
N PHE A 175 12.94 8.98 -1.52
CA PHE A 175 12.54 7.72 -0.91
C PHE A 175 13.76 7.09 -0.30
N LYS A 176 13.96 7.39 1.00
CA LYS A 176 15.23 7.04 1.60
C LYS A 176 15.12 6.22 2.87
N PRO A 177 15.97 5.28 3.13
CA PRO A 177 15.83 4.47 4.31
C PRO A 177 15.76 5.25 5.63
N ASP A 178 16.46 6.36 5.75
CA ASP A 178 16.45 6.99 7.09
C ASP A 178 15.17 7.73 7.39
N ASP A 179 14.31 8.05 6.39
CA ASP A 179 13.12 8.89 6.69
C ASP A 179 11.83 8.51 6.02
N THR A 180 11.78 7.45 5.17
CA THR A 180 10.52 7.20 4.53
C THR A 180 9.38 6.89 5.49
N LEU A 181 8.22 7.43 5.16
CA LEU A 181 6.98 7.19 5.89
C LEU A 181 6.21 5.98 5.38
N ALA A 182 6.86 5.16 4.50
CA ALA A 182 6.21 3.98 3.98
C ALA A 182 5.79 3.02 5.09
N SER A 183 4.68 2.32 4.86
CA SER A 183 4.18 1.35 5.80
C SER A 183 3.87 0.00 5.11
N VAL A 184 4.00 -1.08 5.91
CA VAL A 184 3.53 -2.42 5.57
C VAL A 184 2.27 -2.67 6.39
N VAL A 185 1.25 -3.25 5.80
CA VAL A 185 0.09 -3.73 6.57
C VAL A 185 -0.12 -5.18 6.24
N LEU A 186 -0.22 -6.03 7.32
CA LEU A 186 -0.48 -7.43 7.17
C LEU A 186 -1.96 -7.65 7.51
N ILE A 187 -2.77 -7.74 6.42
CA ILE A 187 -4.22 -7.81 6.63
C ILE A 187 -4.72 -9.23 6.52
N ARG A 188 -5.51 -9.64 7.48
CA ARG A 188 -6.23 -10.89 7.50
C ARG A 188 -7.72 -10.66 7.15
N TYR A 189 -8.13 -11.30 6.04
CA TYR A 189 -9.54 -11.35 5.76
C TYR A 189 -9.96 -12.79 6.04
N PRO A 190 -10.79 -13.05 7.06
CA PRO A 190 -11.08 -14.42 7.44
C PRO A 190 -12.21 -15.11 6.72
N TYR A 191 -12.20 -16.37 6.78
CA TYR A 191 -13.38 -17.18 6.50
C TYR A 191 -14.28 -17.21 7.73
N LEU A 192 -15.55 -16.96 7.66
CA LEU A 192 -16.47 -17.01 8.76
C LEU A 192 -17.76 -17.71 8.39
N ASP A 193 -18.23 -18.60 9.31
CA ASP A 193 -19.45 -19.41 9.07
C ASP A 193 -20.27 -19.35 10.33
N PRO A 194 -21.28 -18.58 10.50
CA PRO A 194 -21.87 -17.66 9.52
C PRO A 194 -21.07 -16.37 9.38
N TYR A 195 -21.18 -15.66 8.17
CA TYR A 195 -20.40 -14.45 8.03
C TYR A 195 -21.34 -13.31 8.47
N PRO A 196 -20.95 -12.44 9.33
CA PRO A 196 -21.85 -11.39 9.84
C PRO A 196 -22.21 -10.37 8.74
N GLU A 197 -23.53 -10.24 8.53
CA GLU A 197 -24.07 -9.28 7.56
C GLU A 197 -23.63 -7.87 7.86
N ALA A 198 -23.43 -7.56 9.14
CA ALA A 198 -22.99 -6.21 9.45
C ALA A 198 -21.58 -5.94 8.98
N ALA A 199 -20.88 -7.09 8.71
CA ALA A 199 -19.54 -6.92 8.16
C ALA A 199 -19.48 -6.90 6.64
N ILE A 200 -20.63 -6.92 6.08
CA ILE A 200 -20.76 -6.86 4.62
C ILE A 200 -21.40 -5.55 4.22
N LYS A 201 -20.74 -4.76 3.30
CA LYS A 201 -21.27 -3.49 2.82
C LYS A 201 -21.84 -3.77 1.43
N THR A 202 -22.73 -2.89 1.02
CA THR A 202 -23.37 -3.14 -0.27
C THR A 202 -23.14 -1.89 -1.18
N ALA A 203 -22.58 -2.00 -2.30
CA ALA A 203 -22.39 -0.86 -3.25
C ALA A 203 -23.68 -0.44 -3.90
N ALA A 204 -23.71 0.75 -4.44
CA ALA A 204 -24.88 1.23 -5.15
C ALA A 204 -25.25 0.27 -6.27
N ASP A 205 -24.35 -0.39 -6.87
CA ASP A 205 -24.67 -1.34 -7.93
C ASP A 205 -25.05 -2.71 -7.44
N GLY A 206 -25.06 -2.85 -6.09
CA GLY A 206 -25.53 -4.17 -5.64
C GLY A 206 -24.42 -5.10 -5.17
N THR A 207 -23.18 -4.77 -5.59
CA THR A 207 -22.06 -5.63 -5.21
C THR A 207 -21.79 -5.64 -3.73
N LYS A 208 -21.64 -6.89 -3.17
CA LYS A 208 -21.28 -7.02 -1.77
C LYS A 208 -19.79 -6.72 -1.63
N LEU A 209 -19.43 -5.84 -0.76
CA LEU A 209 -18.11 -5.41 -0.43
C LEU A 209 -17.60 -5.60 0.98
N SER A 210 -16.32 -5.70 1.09
CA SER A 210 -15.64 -5.65 2.37
C SER A 210 -15.07 -4.24 2.60
N PHE A 211 -14.73 -3.46 1.56
CA PHE A 211 -14.18 -2.10 1.71
C PHE A 211 -14.65 -1.30 0.51
N GLU A 212 -15.17 -0.13 0.71
CA GLU A 212 -15.78 0.67 -0.31
C GLU A 212 -14.71 1.35 -1.21
N TRP A 213 -15.25 1.98 -2.25
CA TRP A 213 -14.44 2.68 -3.21
C TRP A 213 -13.63 3.75 -2.49
N HIS A 214 -12.37 3.85 -3.07
CA HIS A 214 -11.39 4.79 -2.62
C HIS A 214 -10.24 5.00 -3.63
N GLU A 215 -9.49 6.07 -3.45
CA GLU A 215 -8.17 6.23 -4.03
C GLU A 215 -7.16 5.95 -2.94
N ASP A 216 -5.99 5.37 -3.25
CA ASP A 216 -4.98 5.11 -2.23
C ASP A 216 -4.30 6.41 -1.80
N VAL A 217 -3.94 6.44 -0.47
CA VAL A 217 -3.08 7.42 0.13
C VAL A 217 -1.69 6.84 0.09
N SER A 218 -0.97 7.28 -1.03
CA SER A 218 0.35 6.80 -1.35
C SER A 218 0.87 7.58 -2.59
N LEU A 219 2.15 7.41 -2.85
CA LEU A 219 2.71 7.76 -4.14
C LEU A 219 2.38 6.61 -5.08
N ILE A 220 2.83 5.39 -4.78
CA ILE A 220 2.39 4.14 -5.40
C ILE A 220 2.11 3.10 -4.29
N THR A 221 1.33 2.12 -4.61
CA THR A 221 1.02 0.97 -3.73
C THR A 221 1.57 -0.29 -4.38
N VAL A 222 2.25 -1.13 -3.58
CA VAL A 222 2.94 -2.38 -3.98
C VAL A 222 2.35 -3.53 -3.18
N LEU A 223 1.48 -4.24 -3.76
CA LEU A 223 0.60 -5.17 -3.05
C LEU A 223 0.80 -6.63 -3.37
N TYR A 224 0.96 -7.49 -2.37
CA TYR A 224 0.87 -8.94 -2.43
C TYR A 224 -0.55 -9.32 -1.95
N GLN A 225 -1.23 -10.15 -2.66
CA GLN A 225 -2.46 -10.78 -2.16
C GLN A 225 -2.50 -12.26 -2.53
N SER A 226 -3.28 -13.06 -1.76
CA SER A 226 -3.54 -14.45 -2.04
C SER A 226 -4.24 -14.64 -3.39
N ASN A 227 -4.35 -15.82 -3.85
CA ASN A 227 -4.99 -16.13 -5.11
C ASN A 227 -6.49 -16.30 -4.98
N VAL A 228 -7.16 -15.35 -4.42
CA VAL A 228 -8.59 -15.23 -4.33
C VAL A 228 -8.98 -13.90 -4.93
N GLN A 229 -9.72 -13.95 -6.03
CA GLN A 229 -10.17 -12.74 -6.72
C GLN A 229 -11.07 -11.92 -5.83
N ASN A 230 -10.75 -10.61 -5.79
CA ASN A 230 -11.65 -9.71 -4.96
C ASN A 230 -11.71 -8.25 -5.29
N LEU A 231 -10.57 -7.71 -5.96
CA LEU A 231 -10.47 -6.31 -6.25
C LEU A 231 -11.20 -5.91 -7.52
N GLN A 232 -11.77 -4.69 -7.52
CA GLN A 232 -12.38 -4.15 -8.70
C GLN A 232 -11.87 -2.73 -8.91
N VAL A 233 -11.69 -2.38 -10.19
CA VAL A 233 -11.26 -1.00 -10.51
C VAL A 233 -12.35 -0.32 -11.33
N GLU A 234 -12.65 0.92 -11.07
CA GLU A 234 -13.58 1.71 -11.85
C GLU A 234 -12.88 2.18 -13.15
N THR A 235 -13.53 1.89 -14.25
CA THR A 235 -13.01 2.39 -15.55
C THR A 235 -14.19 3.05 -16.23
N ALA A 236 -13.97 3.57 -17.48
CA ALA A 236 -15.15 4.14 -18.18
C ALA A 236 -16.23 3.08 -18.46
N ALA A 237 -15.75 1.78 -18.58
CA ALA A 237 -16.57 0.63 -18.76
C ALA A 237 -17.35 0.27 -17.50
N GLY A 238 -17.17 0.92 -16.48
CA GLY A 238 -17.77 0.53 -15.17
C GLY A 238 -16.78 -0.18 -14.30
N TYR A 239 -17.13 -0.80 -13.19
CA TYR A 239 -16.19 -1.55 -12.40
C TYR A 239 -15.84 -2.87 -13.07
N GLN A 240 -14.56 -3.19 -13.13
CA GLN A 240 -14.05 -4.36 -13.75
C GLN A 240 -13.26 -5.23 -12.76
N ASP A 241 -13.29 -6.50 -12.86
CA ASP A 241 -12.54 -7.36 -11.97
C ASP A 241 -11.03 -7.44 -12.31
N ILE A 242 -10.25 -7.25 -11.20
CA ILE A 242 -8.80 -7.42 -11.30
C ILE A 242 -8.48 -8.89 -10.97
N GLU A 243 -7.85 -9.56 -11.96
CA GLU A 243 -7.56 -10.96 -11.65
C GLU A 243 -6.52 -11.08 -10.55
N ALA A 244 -6.62 -12.17 -9.74
CA ALA A 244 -5.61 -12.37 -8.72
C ALA A 244 -4.34 -12.97 -9.31
N ASP A 245 -3.25 -12.76 -8.79
CA ASP A 245 -1.97 -13.39 -9.18
C ASP A 245 -1.09 -13.47 -7.92
N ASP A 246 -0.99 -14.49 -7.19
CA ASP A 246 -0.20 -14.56 -5.94
C ASP A 246 1.29 -14.83 -6.25
N THR A 247 1.67 -14.66 -7.51
CA THR A 247 3.10 -14.68 -7.77
C THR A 247 3.67 -13.30 -8.06
N GLY A 248 2.87 -12.36 -8.33
CA GLY A 248 3.21 -11.00 -8.67
C GLY A 248 2.89 -9.93 -7.62
N TYR A 249 3.38 -8.75 -7.86
CA TYR A 249 2.99 -7.59 -7.08
C TYR A 249 2.02 -6.74 -7.91
N LEU A 250 0.80 -6.48 -7.36
CA LEU A 250 -0.13 -5.57 -8.00
C LEU A 250 0.27 -4.14 -7.66
N ILE A 251 0.45 -3.32 -8.71
CA ILE A 251 0.94 -1.97 -8.57
C ILE A 251 -0.11 -1.01 -9.11
N ASN A 252 -0.24 0.12 -8.29
CA ASN A 252 -1.06 1.22 -8.74
C ASN A 252 -0.55 2.52 -8.10
N CYS A 253 -0.94 3.62 -8.74
CA CYS A 253 -0.66 4.96 -8.24
C CYS A 253 -1.67 5.38 -7.14
N GLY A 254 -1.14 6.19 -6.22
CA GLY A 254 -1.96 6.83 -5.20
C GLY A 254 -2.13 8.31 -5.53
N SER A 255 -2.91 9.02 -4.68
CA SER A 255 -3.35 10.34 -5.06
C SER A 255 -2.17 11.30 -4.98
N TYR A 256 -1.07 11.06 -4.40
CA TYR A 256 0.12 11.99 -4.53
C TYR A 256 0.69 11.99 -5.94
N MET A 257 0.73 10.80 -6.57
CA MET A 257 1.14 10.76 -7.94
C MET A 257 0.18 11.53 -8.82
N ALA A 258 -1.05 11.35 -8.58
CA ALA A 258 -2.08 12.08 -9.35
C ALA A 258 -1.83 13.57 -9.12
N HIS A 259 -1.58 14.04 -7.96
CA HIS A 259 -1.32 15.49 -7.81
C HIS A 259 -0.12 15.97 -8.59
N LEU A 260 0.99 15.31 -8.45
CA LEU A 260 2.26 15.64 -9.02
C LEU A 260 2.18 15.68 -10.55
N THR A 261 1.37 14.80 -11.17
CA THR A 261 1.28 14.64 -12.63
C THR A 261 0.05 15.31 -13.26
N ASN A 262 -0.63 16.07 -12.40
CA ASN A 262 -1.87 16.76 -12.84
C ASN A 262 -2.88 15.84 -13.51
N ASN A 263 -2.95 14.73 -12.76
CA ASN A 263 -3.82 13.65 -13.19
C ASN A 263 -3.48 12.96 -14.51
N TYR A 264 -2.30 13.18 -14.98
CA TYR A 264 -1.90 12.40 -16.15
C TYR A 264 -1.86 10.94 -15.76
N TYR A 265 -1.25 10.59 -14.57
CA TYR A 265 -1.34 9.27 -13.95
C TYR A 265 -2.37 9.42 -12.82
N LYS A 266 -3.61 9.01 -13.02
CA LYS A 266 -4.70 9.07 -12.09
C LYS A 266 -4.43 8.05 -10.98
N ALA A 267 -4.96 8.34 -9.79
CA ALA A 267 -5.01 7.35 -8.78
C ALA A 267 -6.29 6.52 -9.05
N PRO A 268 -6.22 5.32 -9.48
CA PRO A 268 -7.45 4.60 -9.83
C PRO A 268 -8.35 4.35 -8.61
N ILE A 269 -9.69 4.53 -8.90
CA ILE A 269 -10.68 4.22 -7.90
C ILE A 269 -10.89 2.71 -7.98
N HIS A 270 -10.82 2.10 -6.75
CA HIS A 270 -10.99 0.71 -6.61
C HIS A 270 -11.68 0.33 -5.29
N ARG A 271 -12.13 -0.92 -5.20
CA ARG A 271 -12.87 -1.39 -4.05
C ARG A 271 -12.64 -2.87 -3.86
N VAL A 272 -12.97 -3.44 -2.71
CA VAL A 272 -12.76 -4.80 -2.32
C VAL A 272 -14.07 -5.55 -2.21
N LYS A 273 -14.27 -6.49 -3.04
CA LYS A 273 -15.47 -7.29 -2.92
C LYS A 273 -15.37 -8.19 -1.71
N TRP A 274 -16.60 -8.49 -1.16
CA TRP A 274 -16.79 -9.44 -0.15
C TRP A 274 -16.61 -10.85 -0.74
N VAL A 275 -15.74 -11.59 -0.16
CA VAL A 275 -15.51 -13.02 -0.47
C VAL A 275 -15.42 -13.81 0.80
N ASN A 276 -16.13 -14.85 1.02
CA ASN A 276 -16.03 -15.65 2.26
C ASN A 276 -14.92 -16.73 2.09
N ALA A 277 -13.72 -16.18 2.32
CA ALA A 277 -12.49 -16.91 2.16
C ALA A 277 -11.37 -16.39 3.03
N GLU A 278 -10.61 -17.33 3.54
CA GLU A 278 -9.46 -16.94 4.37
C GLU A 278 -8.35 -16.50 3.46
N ARG A 279 -7.96 -15.24 3.53
CA ARG A 279 -6.98 -14.68 2.56
C ARG A 279 -6.15 -13.58 3.18
N GLN A 280 -5.15 -13.16 2.44
CA GLN A 280 -4.22 -12.17 2.89
C GLN A 280 -4.18 -10.96 1.95
N SER A 281 -4.05 -9.84 2.47
CA SER A 281 -3.77 -8.61 1.73
C SER A 281 -2.65 -7.84 2.43
N LEU A 282 -1.51 -7.77 1.64
CA LEU A 282 -0.26 -7.27 2.25
C LEU A 282 0.29 -6.09 1.47
N PRO A 283 -0.34 -4.94 1.61
CA PRO A 283 0.15 -3.74 0.92
C PRO A 283 1.36 -3.13 1.58
N PHE A 284 2.24 -2.53 0.73
CA PHE A 284 3.31 -1.61 1.07
C PHE A 284 2.93 -0.27 0.47
N PHE A 285 2.74 0.68 1.30
CA PHE A 285 2.37 2.03 0.81
C PHE A 285 3.65 2.84 0.63
N VAL A 286 3.99 3.21 -0.60
CA VAL A 286 5.25 3.93 -0.90
C VAL A 286 4.98 5.40 -0.61
N ASN A 287 5.45 5.84 0.54
CA ASN A 287 5.40 7.21 1.02
C ASN A 287 6.78 7.81 1.05
N LEU A 288 6.85 9.10 0.80
CA LEU A 288 8.16 9.81 0.80
C LEU A 288 8.51 10.27 2.21
N GLY A 289 9.39 11.19 2.39
CA GLY A 289 9.77 11.73 3.72
C GLY A 289 8.83 12.86 4.11
N TYR A 290 8.80 13.22 5.36
CA TYR A 290 7.84 14.18 5.88
C TYR A 290 7.92 15.54 5.17
N ASP A 291 9.14 15.98 4.85
CA ASP A 291 9.31 17.29 4.22
C ASP A 291 9.53 17.15 2.72
N SER A 292 9.42 15.97 2.15
CA SER A 292 9.59 15.87 0.70
C SER A 292 8.47 16.66 0.01
N VAL A 293 8.94 17.53 -0.94
CA VAL A 293 8.09 18.25 -1.84
C VAL A 293 8.51 18.02 -3.30
N ILE A 294 7.72 17.61 -4.14
CA ILE A 294 8.00 17.56 -5.59
C ILE A 294 7.10 18.60 -6.23
N ASP A 295 7.70 19.44 -7.08
CA ASP A 295 7.02 20.46 -7.80
C ASP A 295 6.08 19.79 -8.82
N PRO A 296 4.78 20.09 -8.68
CA PRO A 296 3.88 19.48 -9.67
C PRO A 296 4.14 19.88 -11.13
N PHE A 297 3.89 19.07 -12.04
CA PHE A 297 4.13 19.24 -13.47
C PHE A 297 2.98 18.57 -14.22
N ASP A 298 3.01 18.73 -15.57
CA ASP A 298 2.04 18.10 -16.49
C ASP A 298 2.65 17.69 -17.80
N PRO A 299 2.93 16.38 -18.00
CA PRO A 299 3.49 15.81 -19.24
C PRO A 299 2.62 15.83 -20.52
N ARG A 300 1.42 16.47 -20.34
CA ARG A 300 0.59 16.70 -21.51
C ARG A 300 0.75 18.11 -22.08
N GLU A 301 1.42 18.98 -21.29
CA GLU A 301 1.57 20.36 -21.68
C GLU A 301 2.96 20.68 -22.25
N PRO A 302 3.08 21.38 -23.37
CA PRO A 302 4.41 21.63 -23.95
C PRO A 302 5.42 22.17 -22.97
N ASN A 303 4.97 23.12 -22.09
CA ASN A 303 6.01 23.65 -21.16
C ASN A 303 6.13 22.87 -19.87
N GLY A 304 5.29 21.79 -19.73
CA GLY A 304 5.38 20.95 -18.52
C GLY A 304 4.72 21.64 -17.35
N LYS A 305 4.11 22.81 -17.53
CA LYS A 305 3.55 23.60 -16.40
C LYS A 305 2.22 23.13 -15.85
N SER A 306 2.04 23.21 -14.49
CA SER A 306 0.77 22.78 -13.95
C SER A 306 0.19 23.82 -13.06
N ASP A 307 -1.11 23.96 -12.92
CA ASP A 307 -1.61 25.01 -12.02
C ASP A 307 -1.95 24.42 -10.63
N ARG A 308 -1.25 23.47 -10.18
CA ARG A 308 -1.39 22.89 -8.85
C ARG A 308 -0.31 23.52 -7.94
N GLU A 309 -0.58 23.70 -6.62
CA GLU A 309 0.46 24.11 -5.69
C GLU A 309 1.25 22.94 -5.14
N PRO A 310 2.51 23.10 -4.86
CA PRO A 310 3.34 22.09 -4.18
C PRO A 310 2.72 21.74 -2.82
N LEU A 311 2.82 20.44 -2.54
CA LEU A 311 2.29 19.91 -1.28
C LEU A 311 3.31 19.03 -0.61
N SER A 312 3.65 19.22 0.57
CA SER A 312 4.57 18.37 1.29
C SER A 312 3.99 17.01 1.53
N TYR A 313 4.92 16.00 1.47
CA TYR A 313 4.43 14.62 1.68
C TYR A 313 3.78 14.43 3.06
N GLY A 314 4.30 15.00 4.09
CA GLY A 314 3.78 14.86 5.42
C GLY A 314 2.43 15.47 5.60
N ASP A 315 2.22 16.61 4.96
CA ASP A 315 0.89 17.15 5.02
C ASP A 315 -0.10 16.30 4.25
N TYR A 316 0.33 15.93 3.04
CA TYR A 316 -0.49 15.02 2.29
C TYR A 316 -0.91 13.76 3.10
N LEU A 317 0.10 13.14 3.71
CA LEU A 317 -0.16 11.86 4.36
C LEU A 317 -1.02 11.94 5.62
N GLN A 318 -0.70 12.85 6.51
CA GLN A 318 -1.55 13.07 7.70
C GLN A 318 -3.02 13.40 7.34
N ASN A 319 -3.27 14.27 6.35
CA ASN A 319 -4.64 14.56 5.98
C ASN A 319 -5.30 13.36 5.34
N GLY A 320 -4.56 12.69 4.49
CA GLY A 320 -5.19 11.60 3.74
C GLY A 320 -5.62 10.44 4.60
N LEU A 321 -4.77 10.15 5.56
CA LEU A 321 -5.11 8.97 6.41
C LEU A 321 -6.35 9.27 7.25
N VAL A 322 -6.49 10.40 7.76
CA VAL A 322 -7.70 10.82 8.47
C VAL A 322 -8.92 10.80 7.58
N SER A 323 -8.85 11.36 6.38
CA SER A 323 -9.96 11.46 5.46
C SER A 323 -10.50 10.09 5.10
N LEU A 324 -9.56 9.17 4.88
CA LEU A 324 -9.93 7.82 4.47
C LEU A 324 -10.72 7.04 5.51
N ILE A 325 -10.14 7.33 6.83
CA ILE A 325 -10.95 6.71 7.90
C ILE A 325 -12.35 7.30 8.02
N ASN A 326 -12.36 8.66 7.84
CA ASN A 326 -13.71 9.24 7.83
C ASN A 326 -14.57 8.74 6.70
N LYS A 327 -14.04 8.51 5.52
CA LYS A 327 -14.86 8.11 4.38
C LYS A 327 -15.39 6.69 4.48
N ASN A 328 -14.34 5.78 4.76
CA ASN A 328 -14.64 4.35 4.68
C ASN A 328 -14.58 3.65 6.02
N GLY A 329 -14.30 4.36 7.04
CA GLY A 329 -14.30 3.77 8.35
C GLY A 329 -12.98 3.25 8.87
N GLN A 330 -12.88 3.15 10.24
CA GLN A 330 -11.70 2.64 10.93
C GLN A 330 -11.49 1.15 10.65
N THR A 331 -10.38 0.82 10.02
CA THR A 331 -10.09 -0.56 9.72
C THR A 331 -9.48 -1.37 10.87
S SO4 B . 14.68 -13.46 7.63
O1 SO4 B . 14.42 -12.91 8.93
O2 SO4 B . 15.85 -12.68 7.08
O3 SO4 B . 14.99 -14.85 7.87
O4 SO4 B . 13.82 -13.20 6.47
N1 ACS C . -2.53 2.23 8.46
C2 ACS C . -1.75 2.60 7.22
C3 ACS C . -0.60 3.57 7.55
O4 ACS C . -0.57 4.08 8.69
O5 ACS C . 0.24 3.78 6.63
C6 ACS C . -2.56 3.06 6.03
C7 ACS C . -3.71 2.10 5.67
C10 ACS C . -4.62 2.78 4.66
C13 ACS C . -5.83 1.91 4.44
N16 ACS C . -5.85 1.34 3.24
O17 ACS C . -6.73 1.73 5.27
C18 ACS C . -6.90 0.39 2.88
C19 ACS C . -6.48 -1.08 3.17
O20 ACS C . -6.11 -1.67 4.19
N21 ACS C . -6.71 -1.42 1.90
C22 ACS C . -6.46 -2.71 1.33
C23 ACS C . -7.48 -3.86 1.57
C24 ACS C . -5.80 -2.70 0.00
S25 ACS C . -7.11 -2.66 -1.27
O28 ACS C . -7.47 -1.22 -1.56
C29 ACS C . -6.07 -3.19 -2.67
O35 ACS C . -8.49 -3.60 2.16
O36 ACS C . -7.07 -4.95 1.06
C42 ACS C . -6.97 -0.06 1.41
S44 ACS C . -5.73 0.82 0.30
FE FE2 D . -6.51 0.61 -1.94
#